data_5LWX
#
_entry.id   5LWX
#
_cell.length_a   200.273
_cell.length_b   60.498
_cell.length_c   53.744
_cell.angle_alpha   90.00
_cell.angle_beta   94.96
_cell.angle_gamma   90.00
#
_symmetry.space_group_name_H-M   'C 1 2 1'
#
loop_
_entity.id
_entity.type
_entity.pdbx_description
1 polymer 'Multicopper oxidase'
2 branched 2-acetamido-2-deoxy-beta-D-glucopyranose-(1-4)-2-acetamido-2-deoxy-beta-D-glucopyranose
3 non-polymer 'COPPER (II) ION'
4 non-polymer 2-acetamido-2-deoxy-beta-D-glucopyranose
5 non-polymer beta-D-mannopyranose
6 non-polymer alpha-D-mannopyranose
7 non-polymer 'PEROXIDE ION'
8 water water
#
_entity_poly.entity_id   1
_entity_poly.type   'polypeptide(L)'
_entity_poly.pdbx_seq_one_letter_code
;SPIRHVTPHLSHSTPIPRDMQGNSSQSPNTPWQGYDINTNYYETIPQTNVVREYWFDIVNTTAALDGVERPVLLVNGQFP
GPTIEANWGDTVKVHVTNRMENNGTAIHFHGIRQLYNNQMDGVAALTQCPVPPNSSYTYVWRAEEYGSSWYHSHFSLQAW
EGVFGGILIHGPSTAEYDHDLGMVFLNDWSHQTVDEMYQSVLESQNPPHFQTGLINGSNIWVTADNQTVGRRFQTEFVPG
QRYRLRLVNAAMDTHFRFSIDNHDLTVIASDFVPIVPFTTNNVPIGMGQRYDIIVTANQAPDNYWIRAIPQSFCSDNANS
DNIKGVLHYEGAADNSDPTSTKWDYGDDIQCLDFSLDELVPWLALDADIGGAQMAESDVDFTPFGDVPLYLWTMGGNALN
ISWKDPTLQQTFEDPDKMDWKASQGVIEAAIPNKWTVLVVQTDLPVPHPIHLHGHDFYLLAQGFGQFNPQNVTLKTHNPP
RRDTALMTAATPENGGGGYMVIGFPADNPGVWLIHCHIGFHATEGFAQQIVERQSEFNTFFSEDLLENTCDAWDEYAKVN
PYGHQYRALAGPYESGI
;
_entity_poly.pdbx_strand_id   A
#
# COMPACT_ATOMS: atom_id res chain seq x y z
N SER A 24 -22.67 10.67 -24.83
CA SER A 24 -23.51 9.72 -24.03
C SER A 24 -23.62 8.34 -24.68
N SER A 25 -22.90 8.16 -25.80
CA SER A 25 -22.86 6.88 -26.50
C SER A 25 -21.88 5.91 -25.85
N GLN A 26 -20.97 6.45 -25.05
CA GLN A 26 -19.94 5.65 -24.38
C GLN A 26 -20.43 5.17 -23.03
N SER A 27 -20.17 3.89 -22.73
CA SER A 27 -20.60 3.22 -21.50
C SER A 27 -22.08 3.50 -21.17
N PRO A 28 -22.99 3.26 -22.14
CA PRO A 28 -24.41 3.54 -21.86
C PRO A 28 -24.94 2.70 -20.71
N ASN A 29 -25.87 3.28 -19.95
CA ASN A 29 -26.51 2.63 -18.80
C ASN A 29 -25.53 2.30 -17.66
N THR A 30 -24.46 3.10 -17.57
CA THR A 30 -23.55 3.04 -16.43
C THR A 30 -23.51 4.43 -15.80
N PRO A 31 -23.03 4.51 -14.54
CA PRO A 31 -22.79 5.80 -13.89
C PRO A 31 -21.76 6.71 -14.57
N TRP A 32 -20.92 6.16 -15.46
CA TRP A 32 -19.92 6.96 -16.17
C TRP A 32 -20.26 7.10 -17.66
N GLN A 33 -21.56 7.02 -17.96
CA GLN A 33 -22.01 7.20 -19.34
C GLN A 33 -21.41 8.49 -19.87
N GLY A 34 -20.85 8.42 -21.07
CA GLY A 34 -20.14 9.52 -21.69
C GLY A 34 -18.62 9.41 -21.60
N TYR A 35 -18.16 8.39 -20.86
CA TYR A 35 -16.73 8.14 -20.67
C TYR A 35 -16.48 6.64 -20.77
N ASP A 36 -15.24 6.27 -21.01
CA ASP A 36 -14.94 4.85 -21.20
C ASP A 36 -13.50 4.55 -20.85
N ILE A 37 -13.07 3.35 -21.20
CA ILE A 37 -11.71 2.85 -20.94
C ILE A 37 -10.59 3.71 -21.57
N ASN A 38 -10.93 4.46 -22.62
CA ASN A 38 -9.96 5.34 -23.29
C ASN A 38 -9.91 6.77 -22.74
N THR A 39 -10.86 7.11 -21.88
CA THR A 39 -10.89 8.44 -21.26
C THR A 39 -9.60 8.66 -20.47
N ASN A 40 -8.98 9.84 -20.62
CA ASN A 40 -7.84 10.18 -19.78
C ASN A 40 -8.31 10.57 -18.38
N TYR A 41 -8.24 9.63 -17.44
CA TYR A 41 -8.71 9.86 -16.07
C TYR A 41 -7.84 10.79 -15.24
N TYR A 42 -6.69 11.22 -15.78
CA TYR A 42 -5.89 12.24 -15.12
C TYR A 42 -6.37 13.66 -15.44
N GLU A 43 -7.20 13.76 -16.48
CA GLU A 43 -7.67 15.06 -16.98
C GLU A 43 -9.18 15.23 -16.95
N THR A 44 -9.91 14.13 -16.88
CA THR A 44 -11.34 14.14 -17.07
C THR A 44 -11.94 13.23 -16.02
N ILE A 45 -13.01 13.70 -15.37
CA ILE A 45 -13.71 12.93 -14.32
C ILE A 45 -15.22 12.99 -14.59
N PRO A 46 -15.93 11.85 -14.48
CA PRO A 46 -17.40 11.97 -14.56
C PRO A 46 -17.96 12.81 -13.40
N GLN A 47 -19.02 13.58 -13.67
CA GLN A 47 -19.75 14.28 -12.61
C GLN A 47 -20.96 13.47 -12.24
N THR A 48 -20.96 12.91 -11.04
CA THR A 48 -22.10 12.08 -10.66
C THR A 48 -23.02 12.82 -9.69
N ASN A 49 -22.52 13.86 -9.04
CA ASN A 49 -23.19 14.58 -7.94
C ASN A 49 -23.36 13.78 -6.65
N VAL A 50 -22.87 12.54 -6.64
CA VAL A 50 -23.12 11.63 -5.53
C VAL A 50 -22.00 11.72 -4.51
N VAL A 51 -22.38 11.71 -3.23
CA VAL A 51 -21.42 11.62 -2.12
C VAL A 51 -21.64 10.30 -1.41
N ARG A 52 -20.59 9.49 -1.31
CA ARG A 52 -20.68 8.24 -0.54
C ARG A 52 -20.13 8.54 0.85
N GLU A 53 -20.97 8.41 1.88
CA GLU A 53 -20.60 8.83 3.20
C GLU A 53 -20.36 7.62 4.08
N TYR A 54 -19.18 7.57 4.68
CA TYR A 54 -18.82 6.48 5.59
C TYR A 54 -18.52 7.00 6.98
N TRP A 55 -18.77 6.14 7.96
CA TRP A 55 -18.48 6.44 9.36
C TRP A 55 -17.59 5.32 9.90
N PHE A 56 -16.35 5.67 10.22
CA PHE A 56 -15.34 4.72 10.70
C PHE A 56 -14.99 4.99 12.16
N ASP A 57 -15.35 4.07 13.06
CA ASP A 57 -14.81 4.07 14.43
C ASP A 57 -13.55 3.21 14.42
N ILE A 58 -12.44 3.77 14.89
CA ILE A 58 -11.22 2.98 15.07
C ILE A 58 -11.20 2.44 16.50
N VAL A 59 -11.27 1.11 16.63
CA VAL A 59 -11.54 0.48 17.91
C VAL A 59 -10.44 -0.46 18.34
N ASN A 60 -10.37 -0.63 19.66
CA ASN A 60 -9.40 -1.52 20.24
C ASN A 60 -10.14 -2.76 20.75
N THR A 61 -9.81 -3.92 20.19
CA THR A 61 -10.62 -5.12 20.43
C THR A 61 -9.74 -6.36 20.32
N THR A 62 -10.38 -7.53 20.25
CA THR A 62 -9.64 -8.77 20.04
C THR A 62 -10.33 -9.52 18.92
N ALA A 63 -9.60 -10.44 18.28
CA ALA A 63 -10.16 -11.28 17.25
C ALA A 63 -9.38 -12.60 17.19
N ALA A 64 -10.02 -13.60 16.62
CA ALA A 64 -9.39 -14.91 16.45
C ALA A 64 -9.51 -15.28 14.97
N LEU A 65 -8.80 -14.54 14.14
CA LEU A 65 -8.94 -14.64 12.68
C LEU A 65 -8.52 -15.99 12.12
N ASP A 66 -7.59 -16.65 12.82
CA ASP A 66 -7.21 -18.02 12.47
C ASP A 66 -7.51 -18.97 13.63
N GLY A 67 -8.41 -18.54 14.51
CA GLY A 67 -8.79 -19.36 15.69
C GLY A 67 -8.00 -19.09 16.95
N VAL A 68 -6.99 -18.24 16.86
CA VAL A 68 -6.18 -17.89 18.02
C VAL A 68 -6.48 -16.45 18.42
N GLU A 69 -7.03 -16.25 19.61
CA GLU A 69 -7.40 -14.88 20.04
C GLU A 69 -6.18 -14.01 20.29
N ARG A 70 -6.23 -12.77 19.81
CA ARG A 70 -5.20 -11.77 20.10
C ARG A 70 -5.75 -10.36 19.94
N PRO A 71 -5.05 -9.36 20.48
CA PRO A 71 -5.45 -7.96 20.30
C PRO A 71 -5.33 -7.53 18.85
N VAL A 72 -6.31 -6.72 18.45
CA VAL A 72 -6.31 -6.08 17.12
C VAL A 72 -6.87 -4.66 17.25
N LEU A 73 -6.52 -3.80 16.31
CA LEU A 73 -7.15 -2.47 16.19
C LEU A 73 -7.89 -2.50 14.86
N LEU A 74 -9.19 -2.20 14.87
CA LEU A 74 -10.03 -2.42 13.68
C LEU A 74 -10.87 -1.22 13.33
N VAL A 75 -11.28 -1.15 12.07
CA VAL A 75 -12.35 -0.24 11.68
C VAL A 75 -13.69 -0.94 11.90
N ASN A 76 -14.51 -0.37 12.78
CA ASN A 76 -15.88 -0.88 12.99
C ASN A 76 -15.94 -2.35 13.29
N GLY A 77 -14.93 -2.84 14.02
CA GLY A 77 -14.94 -4.20 14.52
C GLY A 77 -14.78 -5.29 13.47
N GLN A 78 -14.26 -4.93 12.29
CA GLN A 78 -14.20 -5.85 11.16
C GLN A 78 -12.78 -6.00 10.64
N PHE A 79 -12.41 -7.22 10.24
CA PHE A 79 -11.13 -7.45 9.55
C PHE A 79 -11.38 -8.35 8.34
N PRO A 80 -11.06 -7.90 7.11
CA PRO A 80 -10.67 -6.53 6.78
C PRO A 80 -11.76 -5.52 7.20
N GLY A 81 -11.39 -4.27 7.28
CA GLY A 81 -12.39 -3.19 7.48
C GLY A 81 -13.38 -3.15 6.35
N PRO A 82 -14.50 -2.44 6.56
CA PRO A 82 -15.53 -2.34 5.54
C PRO A 82 -14.98 -1.71 4.26
N THR A 83 -15.46 -2.17 3.11
CA THR A 83 -15.04 -1.63 1.81
C THR A 83 -15.68 -0.27 1.56
N ILE A 84 -14.84 0.68 1.16
CA ILE A 84 -15.36 1.95 0.63
C ILE A 84 -15.68 1.67 -0.84
N GLU A 85 -16.97 1.76 -1.18
CA GLU A 85 -17.41 1.45 -2.53
C GLU A 85 -18.03 2.70 -3.14
N ALA A 86 -17.58 3.02 -4.35
CA ALA A 86 -18.06 4.23 -5.04
C ALA A 86 -18.02 4.00 -6.54
N ASN A 87 -18.64 4.92 -7.28
CA ASN A 87 -18.49 4.96 -8.72
C ASN A 87 -17.46 6.02 -9.11
N TRP A 88 -16.80 5.82 -10.24
CA TRP A 88 -15.88 6.80 -10.80
C TRP A 88 -16.53 8.17 -10.86
N GLY A 89 -15.86 9.16 -10.26
CA GLY A 89 -16.38 10.54 -10.21
C GLY A 89 -17.16 10.94 -8.97
N ASP A 90 -17.58 9.96 -8.17
CA ASP A 90 -18.24 10.27 -6.89
C ASP A 90 -17.31 11.05 -5.98
N THR A 91 -17.89 11.70 -4.98
CA THR A 91 -17.15 12.22 -3.84
C THR A 91 -17.31 11.20 -2.70
N VAL A 92 -16.23 11.00 -1.96
CA VAL A 92 -16.29 10.12 -0.79
C VAL A 92 -15.99 10.94 0.45
N LYS A 93 -16.80 10.77 1.48
CA LYS A 93 -16.64 11.47 2.76
C LYS A 93 -16.54 10.41 3.84
N VAL A 94 -15.44 10.41 4.58
CA VAL A 94 -15.21 9.42 5.61
C VAL A 94 -15.00 10.11 6.95
N HIS A 95 -15.96 9.91 7.86
CA HIS A 95 -15.86 10.44 9.23
C HIS A 95 -15.09 9.43 10.06
N VAL A 96 -13.89 9.78 10.48
CA VAL A 96 -13.08 8.86 11.28
C VAL A 96 -13.10 9.31 12.74
N THR A 97 -13.53 8.41 13.62
CA THR A 97 -13.54 8.71 15.05
C THR A 97 -12.63 7.73 15.79
N ASN A 98 -11.72 8.26 16.61
CA ASN A 98 -10.76 7.43 17.34
C ASN A 98 -11.37 6.96 18.65
N ARG A 99 -11.65 5.65 18.72
CA ARG A 99 -12.30 5.06 19.92
CA ARG A 99 -12.27 5.11 19.94
C ARG A 99 -11.30 4.25 20.74
N MET A 100 -10.00 4.42 20.45
CA MET A 100 -8.95 3.70 21.18
C MET A 100 -8.58 4.51 22.43
N GLU A 101 -7.67 4.01 23.26
CA GLU A 101 -7.19 4.76 24.41
C GLU A 101 -5.76 5.26 24.22
N ASN A 102 -4.93 4.44 23.59
CA ASN A 102 -3.48 4.59 23.64
C ASN A 102 -2.77 4.72 22.28
N ASN A 103 -3.54 5.07 21.25
CA ASN A 103 -2.97 5.45 19.96
C ASN A 103 -3.71 6.64 19.40
N GLY A 104 -3.00 7.52 18.70
CA GLY A 104 -3.64 8.42 17.76
C GLY A 104 -4.00 7.65 16.49
N THR A 105 -4.56 8.35 15.50
CA THR A 105 -4.86 7.70 14.23
C THR A 105 -4.82 8.71 13.10
N ALA A 106 -4.64 8.20 11.88
CA ALA A 106 -4.78 9.00 10.66
C ALA A 106 -5.03 7.99 9.56
N ILE A 107 -5.96 8.28 8.68
CA ILE A 107 -6.34 7.32 7.67
C ILE A 107 -5.94 7.82 6.31
N HIS A 108 -5.15 7.00 5.62
CA HIS A 108 -4.70 7.27 4.26
C HIS A 108 -5.43 6.42 3.23
N PHE A 109 -5.70 7.01 2.06
CA PHE A 109 -6.46 6.32 1.00
C PHE A 109 -5.45 6.05 -0.10
N HIS A 110 -4.99 4.81 -0.12
CA HIS A 110 -3.80 4.47 -0.86
C HIS A 110 -4.05 4.57 -2.36
N GLY A 111 -3.24 5.37 -3.05
CA GLY A 111 -3.37 5.47 -4.50
C GLY A 111 -4.37 6.53 -4.96
N ILE A 112 -5.11 7.11 -4.01
CA ILE A 112 -6.08 8.17 -4.34
C ILE A 112 -5.22 9.41 -4.63
N ARG A 113 -5.46 10.04 -5.78
CA ARG A 113 -4.56 11.12 -6.25
C ARG A 113 -4.57 12.35 -5.34
N GLN A 114 -5.75 12.67 -4.78
CA GLN A 114 -5.88 13.82 -3.89
C GLN A 114 -5.44 15.10 -4.60
N LEU A 115 -5.87 15.25 -5.86
CA LEU A 115 -5.46 16.42 -6.67
C LEU A 115 -5.99 17.70 -6.02
N TYR A 116 -5.09 18.63 -5.73
CA TYR A 116 -5.39 19.85 -4.98
C TYR A 116 -6.18 19.53 -3.71
N ASN A 117 -5.82 18.42 -3.07
CA ASN A 117 -6.53 17.98 -1.86
C ASN A 117 -5.55 17.32 -0.88
N ASN A 118 -4.31 17.82 -0.85
CA ASN A 118 -3.24 17.17 -0.08
C ASN A 118 -3.58 17.02 1.40
N GLN A 119 -4.38 17.94 1.94
CA GLN A 119 -4.62 17.90 3.37
C GLN A 119 -5.57 16.76 3.77
N MET A 120 -6.09 16.04 2.78
CA MET A 120 -6.95 14.88 3.04
C MET A 120 -6.19 13.57 2.85
N ASP A 121 -4.86 13.66 2.67
CA ASP A 121 -4.07 12.45 2.35
C ASP A 121 -3.88 11.54 3.56
N GLY A 122 -4.07 12.07 4.77
CA GLY A 122 -4.03 11.22 5.97
C GLY A 122 -2.68 10.78 6.50
N VAL A 123 -1.66 11.61 6.31
CA VAL A 123 -0.34 11.25 6.78
C VAL A 123 0.06 12.07 8.02
N ALA A 124 0.10 11.39 9.16
CA ALA A 124 0.57 12.00 10.40
C ALA A 124 1.96 12.55 10.15
N ALA A 125 2.20 13.76 10.65
CA ALA A 125 3.52 14.46 10.53
C ALA A 125 3.76 15.17 9.19
N LEU A 126 2.92 14.89 8.19
CA LEU A 126 3.00 15.61 6.91
C LEU A 126 1.78 16.52 6.73
N THR A 127 0.61 15.90 6.66
CA THR A 127 -0.60 16.61 6.22
C THR A 127 -1.55 16.92 7.40
N GLN A 128 -1.26 16.31 8.55
CA GLN A 128 -2.06 16.50 9.75
C GLN A 128 -1.30 16.06 11.00
N CYS A 129 -1.77 16.50 12.16
CA CYS A 129 -1.42 15.83 13.42
C CYS A 129 -2.27 14.55 13.55
N PRO A 130 -1.84 13.59 14.38
CA PRO A 130 -2.69 12.43 14.62
C PRO A 130 -3.98 12.83 15.31
N VAL A 131 -5.03 12.07 15.05
CA VAL A 131 -6.33 12.29 15.69
C VAL A 131 -6.33 11.54 17.02
N PRO A 132 -6.49 12.27 18.14
CA PRO A 132 -6.43 11.60 19.42
C PRO A 132 -7.75 10.89 19.77
N PRO A 133 -7.69 9.93 20.71
CA PRO A 133 -8.89 9.31 21.26
C PRO A 133 -9.98 10.35 21.57
N ASN A 134 -11.22 9.99 21.24
CA ASN A 134 -12.42 10.84 21.41
C ASN A 134 -12.52 12.06 20.49
N SER A 135 -11.63 12.12 19.50
CA SER A 135 -11.70 13.15 18.48
C SER A 135 -11.95 12.51 17.11
N SER A 136 -12.36 13.32 16.15
CA SER A 136 -12.67 12.87 14.81
C SER A 136 -11.98 13.74 13.73
N TYR A 137 -11.91 13.20 12.51
CA TYR A 137 -11.44 13.92 11.33
C TYR A 137 -12.31 13.47 10.17
N THR A 138 -12.75 14.43 9.36
CA THR A 138 -13.58 14.08 8.22
C THR A 138 -12.76 14.23 6.94
N TYR A 139 -12.48 13.08 6.31
CA TYR A 139 -11.78 13.05 5.03
C TYR A 139 -12.77 13.22 3.91
N VAL A 140 -12.49 14.11 2.97
CA VAL A 140 -13.34 14.28 1.80
C VAL A 140 -12.46 14.23 0.57
N TRP A 141 -12.79 13.33 -0.37
CA TRP A 141 -11.99 13.20 -1.58
C TRP A 141 -12.78 12.74 -2.79
N ARG A 142 -12.22 13.02 -3.96
CA ARG A 142 -12.87 12.69 -5.22
C ARG A 142 -12.35 11.38 -5.76
N ALA A 143 -13.28 10.53 -6.23
CA ALA A 143 -12.90 9.28 -6.90
C ALA A 143 -12.49 9.60 -8.35
N GLU A 144 -11.27 10.09 -8.52
CA GLU A 144 -10.76 10.51 -9.83
C GLU A 144 -9.88 9.45 -10.49
N GLU A 145 -10.17 8.21 -10.17
CA GLU A 145 -9.50 7.04 -10.71
C GLU A 145 -10.58 6.00 -10.50
N TYR A 146 -10.47 4.87 -11.19
CA TYR A 146 -11.37 3.75 -10.92
C TYR A 146 -10.57 2.46 -10.84
N GLY A 147 -11.12 1.48 -10.12
CA GLY A 147 -10.40 0.23 -9.88
C GLY A 147 -10.29 -0.08 -8.40
N SER A 148 -9.18 -0.69 -8.02
CA SER A 148 -9.05 -1.33 -6.71
C SER A 148 -7.90 -0.79 -5.89
N SER A 149 -8.19 -0.47 -4.64
CA SER A 149 -7.10 -0.19 -3.72
C SER A 149 -7.58 -0.42 -2.31
N TRP A 150 -7.07 0.37 -1.38
CA TRP A 150 -7.36 0.19 0.03
C TRP A 150 -7.04 1.44 0.83
N TYR A 151 -7.69 1.58 1.99
CA TYR A 151 -7.32 2.61 2.95
C TYR A 151 -6.65 1.91 4.10
N HIS A 152 -5.82 2.65 4.83
CA HIS A 152 -5.22 2.08 6.02
C HIS A 152 -4.70 3.19 6.88
N SER A 153 -4.53 2.89 8.15
CA SER A 153 -3.93 3.87 9.03
C SER A 153 -2.55 4.24 8.52
N HIS A 154 -2.19 5.52 8.65
CA HIS A 154 -0.84 5.97 8.38
C HIS A 154 -0.33 6.63 9.67
N PHE A 155 -0.40 5.84 10.75
CA PHE A 155 0.08 6.25 12.06
C PHE A 155 0.88 5.08 12.60
N SER A 156 2.20 5.24 12.63
CA SER A 156 3.09 4.19 13.15
C SER A 156 2.74 2.80 12.58
N LEU A 157 2.61 1.77 13.41
CA LEU A 157 2.40 0.39 12.92
C LEU A 157 0.93 -0.04 12.88
N GLN A 158 0.04 0.94 13.01
CA GLN A 158 -1.36 0.67 13.26
C GLN A 158 -2.09 -0.02 12.10
N ALA A 159 -1.70 0.27 10.86
CA ALA A 159 -2.28 -0.45 9.72
C ALA A 159 -2.17 -1.98 9.89
N TRP A 160 -1.05 -2.42 10.46
CA TRP A 160 -0.76 -3.83 10.54
C TRP A 160 -1.29 -4.45 11.83
N GLU A 161 -1.95 -3.61 12.66
CA GLU A 161 -2.75 -4.15 13.76
C GLU A 161 -4.18 -4.46 13.30
N GLY A 162 -4.51 -4.06 12.06
CA GLY A 162 -5.80 -4.38 11.47
C GLY A 162 -6.59 -3.17 10.96
N VAL A 163 -6.01 -1.97 11.04
CA VAL A 163 -6.77 -0.76 10.60
C VAL A 163 -6.56 -0.54 9.10
N PHE A 164 -7.35 -1.27 8.32
CA PHE A 164 -7.29 -1.16 6.87
C PHE A 164 -8.53 -1.79 6.28
N GLY A 165 -8.83 -1.44 5.02
CA GLY A 165 -9.94 -2.11 4.33
C GLY A 165 -9.92 -1.67 2.87
N GLY A 166 -10.86 -2.16 2.08
CA GLY A 166 -10.81 -1.95 0.64
C GLY A 166 -11.32 -0.61 0.15
N ILE A 167 -10.85 -0.25 -1.04
CA ILE A 167 -11.45 0.84 -1.82
C ILE A 167 -11.79 0.23 -3.18
N LEU A 168 -13.07 0.28 -3.53
CA LEU A 168 -13.53 -0.33 -4.78
C LEU A 168 -14.31 0.75 -5.50
N ILE A 169 -13.72 1.26 -6.58
CA ILE A 169 -14.34 2.33 -7.39
C ILE A 169 -14.73 1.74 -8.73
N HIS A 170 -16.05 1.58 -8.93
CA HIS A 170 -16.53 1.01 -10.19
C HIS A 170 -16.17 1.92 -11.37
N GLY A 171 -15.91 1.29 -12.50
CA GLY A 171 -15.57 2.02 -13.70
C GLY A 171 -15.37 1.03 -14.82
N PRO A 172 -14.86 1.51 -15.96
CA PRO A 172 -14.51 0.68 -17.10
C PRO A 172 -13.52 -0.42 -16.75
N SER A 173 -13.49 -1.46 -17.57
CA SER A 173 -12.50 -2.50 -17.42
C SER A 173 -12.04 -2.97 -18.81
N THR A 174 -10.86 -3.57 -18.83
CA THR A 174 -10.22 -4.01 -20.08
C THR A 174 -10.60 -5.42 -20.49
N ALA A 175 -11.41 -6.11 -19.68
CA ALA A 175 -11.97 -7.39 -20.07
C ALA A 175 -13.29 -7.62 -19.35
N GLU A 176 -14.13 -8.47 -19.95
CA GLU A 176 -15.46 -8.71 -19.44
C GLU A 176 -15.48 -9.86 -18.44
N TYR A 177 -16.46 -9.81 -17.56
CA TYR A 177 -16.65 -10.87 -16.55
C TYR A 177 -18.10 -10.83 -16.08
N ASP A 178 -18.46 -11.76 -15.21
CA ASP A 178 -19.86 -11.91 -14.82
C ASP A 178 -20.13 -11.50 -13.38
N HIS A 179 -19.14 -11.69 -12.51
CA HIS A 179 -19.36 -11.46 -11.10
C HIS A 179 -18.12 -10.79 -10.53
N ASP A 180 -18.35 -9.79 -9.68
CA ASP A 180 -17.28 -9.06 -9.01
C ASP A 180 -17.24 -9.57 -7.57
N LEU A 181 -16.18 -10.30 -7.23
CA LEU A 181 -16.06 -10.83 -5.87
C LEU A 181 -15.50 -9.81 -4.87
N GLY A 182 -15.07 -8.65 -5.36
CA GLY A 182 -14.61 -7.63 -4.45
C GLY A 182 -13.17 -7.91 -4.07
N MET A 183 -12.79 -7.34 -2.93
CA MET A 183 -11.42 -7.37 -2.40
C MET A 183 -11.00 -8.78 -2.02
N VAL A 184 -9.75 -9.11 -2.29
CA VAL A 184 -9.12 -10.31 -1.69
C VAL A 184 -7.81 -9.85 -1.06
N PHE A 185 -7.82 -9.66 0.25
CA PHE A 185 -6.62 -9.21 0.95
C PHE A 185 -5.68 -10.37 1.23
N LEU A 186 -4.39 -10.08 1.08
CA LEU A 186 -3.35 -11.02 1.47
C LEU A 186 -2.58 -10.42 2.63
N ASN A 187 -2.46 -11.17 3.72
CA ASN A 187 -1.76 -10.66 4.90
C ASN A 187 -0.83 -11.73 5.44
N ASP A 188 0.32 -11.29 5.98
CA ASP A 188 1.03 -12.15 6.93
C ASP A 188 0.41 -11.96 8.33
N TRP A 189 0.79 -12.80 9.29
CA TRP A 189 0.15 -12.72 10.60
C TRP A 189 0.98 -13.49 11.62
N SER A 190 0.89 -13.04 12.87
CA SER A 190 1.46 -13.75 14.01
C SER A 190 0.52 -13.57 15.18
N HIS A 191 0.75 -14.33 16.23
CA HIS A 191 -0.13 -14.25 17.37
C HIS A 191 0.33 -13.27 18.41
N GLN A 192 1.55 -12.78 18.28
CA GLN A 192 1.93 -11.54 18.95
C GLN A 192 1.74 -10.41 17.96
N THR A 193 1.46 -9.22 18.46
CA THR A 193 1.16 -8.08 17.59
C THR A 193 2.43 -7.49 16.98
N VAL A 194 2.29 -6.71 15.92
CA VAL A 194 3.47 -6.06 15.34
C VAL A 194 4.08 -5.04 16.31
N ASP A 195 3.25 -4.43 17.16
CA ASP A 195 3.76 -3.51 18.17
C ASP A 195 4.55 -4.23 19.24
N GLU A 196 4.13 -5.44 19.58
CA GLU A 196 4.90 -6.28 20.53
C GLU A 196 6.26 -6.68 19.94
N MET A 197 6.29 -6.94 18.63
CA MET A 197 7.49 -7.36 17.92
C MET A 197 8.51 -6.23 17.71
N TYR A 198 8.03 -4.99 17.72
CA TYR A 198 8.82 -3.88 17.18
C TYR A 198 10.19 -3.71 17.83
N GLN A 199 10.24 -3.72 19.17
CA GLN A 199 11.53 -3.54 19.82
C GLN A 199 12.55 -4.58 19.37
N SER A 200 12.12 -5.84 19.26
CA SER A 200 13.02 -6.90 18.81
C SER A 200 13.47 -6.69 17.36
N VAL A 201 12.57 -6.15 16.53
CA VAL A 201 12.90 -5.84 15.15
C VAL A 201 13.98 -4.73 15.08
N LEU A 202 13.77 -3.68 15.86
CA LEU A 202 14.68 -2.55 15.90
C LEU A 202 16.11 -3.00 16.27
N GLU A 203 16.19 -3.99 17.16
CA GLU A 203 17.48 -4.36 17.77
C GLU A 203 18.16 -5.51 17.05
N SER A 204 17.58 -5.93 15.94
CA SER A 204 18.08 -7.06 15.17
C SER A 204 18.44 -6.69 13.75
N GLN A 205 19.45 -7.37 13.21
CA GLN A 205 19.80 -7.28 11.79
C GLN A 205 19.01 -8.27 10.94
N ASN A 206 18.30 -9.18 11.60
CA ASN A 206 17.46 -10.17 10.90
C ASN A 206 16.09 -9.58 10.56
N PRO A 207 15.55 -9.95 9.40
CA PRO A 207 14.19 -9.49 9.06
C PRO A 207 13.13 -10.04 10.04
N PRO A 208 11.98 -9.37 10.17
CA PRO A 208 10.94 -9.93 11.03
C PRO A 208 10.41 -11.26 10.53
N HIS A 209 10.07 -12.13 11.48
CA HIS A 209 9.61 -13.47 11.21
C HIS A 209 8.13 -13.50 11.54
N PHE A 210 7.33 -14.04 10.63
CA PHE A 210 5.91 -14.24 10.91
C PHE A 210 5.54 -15.70 10.95
N GLN A 211 4.52 -16.01 11.73
CA GLN A 211 4.12 -17.40 11.95
C GLN A 211 3.22 -17.93 10.86
N THR A 212 2.40 -17.04 10.28
CA THR A 212 1.38 -17.51 9.35
C THR A 212 0.88 -16.37 8.46
N GLY A 213 -0.33 -16.53 7.92
CA GLY A 213 -0.90 -15.52 7.04
C GLY A 213 -2.38 -15.73 6.98
N LEU A 214 -3.06 -14.78 6.35
CA LEU A 214 -4.53 -14.80 6.23
C LEU A 214 -4.90 -14.40 4.81
N ILE A 215 -5.96 -15.01 4.30
CA ILE A 215 -6.54 -14.59 3.03
C ILE A 215 -7.91 -14.02 3.37
N ASN A 216 -8.04 -12.74 3.03
CA ASN A 216 -9.21 -11.95 3.36
C ASN A 216 -9.63 -12.12 4.82
N GLY A 217 -8.62 -12.13 5.70
CA GLY A 217 -8.82 -12.21 7.15
C GLY A 217 -9.08 -13.59 7.73
N SER A 218 -8.84 -14.65 6.95
CA SER A 218 -9.09 -16.01 7.41
C SER A 218 -7.92 -16.95 7.16
N ASN A 219 -7.74 -17.87 8.10
CA ASN A 219 -6.97 -19.09 7.85
C ASN A 219 -7.33 -20.07 8.96
N ILE A 220 -6.92 -21.32 8.77
CA ILE A 220 -6.83 -22.24 9.89
C ILE A 220 -5.49 -22.01 10.60
N TRP A 221 -5.34 -22.65 11.75
CA TRP A 221 -4.07 -22.72 12.44
C TRP A 221 -3.96 -24.10 13.05
N VAL A 222 -2.80 -24.73 12.92
CA VAL A 222 -2.54 -26.04 13.56
C VAL A 222 -1.88 -25.75 14.91
N THR A 223 -2.49 -26.25 15.99
CA THR A 223 -2.00 -25.92 17.32
C THR A 223 -0.86 -26.88 17.67
N ALA A 224 -0.20 -26.58 18.77
CA ALA A 224 0.95 -27.40 19.25
C ALA A 224 0.58 -28.88 19.46
N ASP A 225 -0.71 -29.15 19.71
CA ASP A 225 -1.21 -30.53 19.84
C ASP A 225 -1.85 -31.09 18.57
N ASN A 226 -1.55 -30.47 17.43
CA ASN A 226 -2.03 -30.90 16.11
C ASN A 226 -3.56 -30.89 15.98
N GLN A 227 -4.20 -29.94 16.65
CA GLN A 227 -5.60 -29.69 16.40
C GLN A 227 -5.67 -28.60 15.35
N THR A 228 -6.74 -28.60 14.56
CA THR A 228 -6.93 -27.52 13.60
C THR A 228 -7.99 -26.59 14.19
N VAL A 229 -7.63 -25.32 14.38
CA VAL A 229 -8.60 -24.27 14.74
C VAL A 229 -8.76 -23.26 13.60
N GLY A 230 -9.72 -22.36 13.73
CA GLY A 230 -9.94 -21.36 12.66
C GLY A 230 -10.66 -21.94 11.46
N ARG A 231 -10.63 -21.23 10.33
CA ARG A 231 -11.37 -21.65 9.13
C ARG A 231 -10.74 -20.97 7.92
N ARG A 232 -10.55 -21.70 6.85
CA ARG A 232 -9.94 -21.12 5.66
C ARG A 232 -10.91 -20.23 4.90
N PHE A 233 -10.34 -19.24 4.25
CA PHE A 233 -11.06 -18.47 3.24
C PHE A 233 -11.66 -19.41 2.19
N GLN A 234 -12.89 -19.14 1.76
CA GLN A 234 -13.51 -19.97 0.74
C GLN A 234 -14.32 -19.09 -0.18
N THR A 235 -14.29 -19.40 -1.46
CA THR A 235 -15.19 -18.72 -2.41
C THR A 235 -15.80 -19.79 -3.32
N GLU A 236 -16.97 -19.48 -3.88
CA GLU A 236 -17.71 -20.48 -4.67
C GLU A 236 -17.86 -20.04 -6.11
N PHE A 237 -17.58 -20.96 -7.05
CA PHE A 237 -17.72 -20.70 -8.49
C PHE A 237 -18.84 -21.54 -9.10
N VAL A 238 -19.61 -20.93 -9.99
CA VAL A 238 -20.50 -21.68 -10.89
C VAL A 238 -19.75 -21.97 -12.18
N PRO A 239 -19.70 -23.25 -12.58
CA PRO A 239 -19.03 -23.62 -13.82
C PRO A 239 -19.41 -22.71 -14.96
N GLY A 240 -18.39 -22.21 -15.66
CA GLY A 240 -18.58 -21.38 -16.85
C GLY A 240 -18.57 -19.88 -16.59
N GLN A 241 -18.79 -19.47 -15.34
CA GLN A 241 -18.87 -18.05 -15.00
C GLN A 241 -17.46 -17.44 -14.83
N ARG A 242 -17.37 -16.13 -15.01
CA ARG A 242 -16.11 -15.39 -14.95
C ARG A 242 -16.15 -14.42 -13.75
N TYR A 243 -15.09 -14.44 -12.94
CA TYR A 243 -15.10 -13.74 -11.66
C TYR A 243 -13.95 -12.75 -11.57
N ARG A 244 -14.25 -11.53 -11.12
CA ARG A 244 -13.21 -10.56 -10.85
C ARG A 244 -12.80 -10.64 -9.37
N LEU A 245 -11.48 -10.75 -9.13
CA LEU A 245 -10.94 -10.71 -7.78
C LEU A 245 -9.98 -9.54 -7.73
N ARG A 246 -10.06 -8.76 -6.65
CA ARG A 246 -9.28 -7.52 -6.57
C ARG A 246 -8.23 -7.75 -5.48
N LEU A 247 -7.05 -8.20 -5.90
CA LEU A 247 -6.01 -8.65 -4.97
C LEU A 247 -5.29 -7.45 -4.36
N VAL A 248 -5.06 -7.50 -3.05
CA VAL A 248 -4.35 -6.42 -2.37
C VAL A 248 -3.36 -7.07 -1.42
N ASN A 249 -2.11 -6.66 -1.46
CA ASN A 249 -1.14 -7.17 -0.49
C ASN A 249 -1.00 -6.19 0.67
N ALA A 250 -1.63 -6.53 1.79
CA ALA A 250 -1.64 -5.70 3.00
C ALA A 250 -0.70 -6.20 4.11
N ALA A 251 0.21 -7.10 3.74
CA ALA A 251 1.11 -7.70 4.70
C ALA A 251 2.08 -6.64 5.28
N MET A 252 2.59 -6.95 6.47
CA MET A 252 3.64 -6.15 7.10
C MET A 252 5.00 -6.35 6.42
N ASP A 253 5.38 -7.60 6.13
CA ASP A 253 6.71 -7.87 5.54
C ASP A 253 6.75 -9.17 4.75
N THR A 254 5.88 -9.25 3.75
CA THR A 254 5.81 -10.43 2.93
C THR A 254 5.47 -10.02 1.52
N HIS A 255 6.25 -10.55 0.57
CA HIS A 255 5.97 -10.44 -0.84
C HIS A 255 5.34 -11.79 -1.23
N PHE A 256 4.19 -11.74 -1.86
CA PHE A 256 3.46 -12.98 -2.19
C PHE A 256 3.47 -13.34 -3.66
N ARG A 257 3.37 -14.66 -3.95
CA ARG A 257 2.82 -15.09 -5.23
C ARG A 257 1.48 -15.71 -4.97
N PHE A 258 0.47 -15.17 -5.65
CA PHE A 258 -0.90 -15.66 -5.55
C PHE A 258 -1.19 -16.59 -6.74
N SER A 259 -1.79 -17.74 -6.46
CA SER A 259 -2.22 -18.64 -7.53
C SER A 259 -3.44 -19.41 -7.09
N ILE A 260 -4.14 -19.98 -8.08
CA ILE A 260 -5.26 -20.87 -7.85
C ILE A 260 -4.98 -22.12 -8.66
N ASP A 261 -4.80 -23.27 -7.98
CA ASP A 261 -4.46 -24.50 -8.69
C ASP A 261 -5.39 -24.76 -9.88
N ASN A 262 -4.80 -25.16 -10.99
CA ASN A 262 -5.50 -25.51 -12.25
C ASN A 262 -6.18 -24.37 -12.99
N HIS A 263 -6.12 -23.15 -12.44
CA HIS A 263 -6.80 -22.00 -13.07
C HIS A 263 -5.81 -20.98 -13.57
N ASP A 264 -6.12 -20.40 -14.74
CA ASP A 264 -5.41 -19.26 -15.32
C ASP A 264 -5.96 -17.99 -14.72
N LEU A 265 -5.13 -16.95 -14.66
CA LEU A 265 -5.55 -15.66 -14.14
C LEU A 265 -5.29 -14.61 -15.21
N THR A 266 -6.31 -13.83 -15.53
CA THR A 266 -6.16 -12.76 -16.53
C THR A 266 -6.05 -11.45 -15.76
N VAL A 267 -4.89 -10.82 -15.88
CA VAL A 267 -4.61 -9.58 -15.15
C VAL A 267 -5.11 -8.40 -15.99
N ILE A 268 -5.96 -7.55 -15.42
CA ILE A 268 -6.59 -6.46 -16.16
C ILE A 268 -6.29 -5.06 -15.62
N ALA A 269 -5.63 -5.01 -14.45
CA ALA A 269 -5.20 -3.71 -13.93
C ALA A 269 -4.09 -3.90 -12.93
N SER A 270 -3.27 -2.88 -12.80
CA SER A 270 -2.15 -2.85 -11.84
C SER A 270 -2.36 -1.58 -11.03
N ASP A 271 -2.47 -1.71 -9.71
CA ASP A 271 -2.84 -0.57 -8.87
C ASP A 271 -4.12 0.08 -9.45
N PHE A 272 -4.18 1.41 -9.63
CA PHE A 272 -5.37 2.05 -10.23
C PHE A 272 -5.34 2.21 -11.76
N VAL A 273 -4.43 1.51 -12.43
CA VAL A 273 -4.25 1.68 -13.87
C VAL A 273 -4.65 0.42 -14.66
N PRO A 274 -5.76 0.48 -15.42
CA PRO A 274 -6.16 -0.62 -16.29
C PRO A 274 -5.07 -0.90 -17.31
N ILE A 275 -4.77 -2.17 -17.53
CA ILE A 275 -3.70 -2.52 -18.46
C ILE A 275 -4.24 -3.40 -19.57
N VAL A 276 -3.47 -3.53 -20.65
CA VAL A 276 -3.83 -4.50 -21.69
C VAL A 276 -3.83 -5.89 -21.03
N PRO A 277 -4.94 -6.63 -21.12
CA PRO A 277 -5.01 -7.90 -20.35
C PRO A 277 -3.97 -8.92 -20.78
N PHE A 278 -3.44 -9.69 -19.83
CA PHE A 278 -2.60 -10.84 -20.19
C PHE A 278 -2.90 -11.96 -19.21
N THR A 279 -2.60 -13.20 -19.61
CA THR A 279 -2.96 -14.34 -18.80
C THR A 279 -1.70 -14.99 -18.18
N THR A 280 -1.81 -15.39 -16.92
CA THR A 280 -0.67 -15.95 -16.19
C THR A 280 -1.17 -17.03 -15.21
N ASN A 281 -0.26 -17.84 -14.68
CA ASN A 281 -0.65 -18.83 -13.68
C ASN A 281 -0.37 -18.40 -12.23
N ASN A 282 0.25 -17.24 -12.05
CA ASN A 282 0.43 -16.70 -10.70
C ASN A 282 0.68 -15.19 -10.77
N VAL A 283 0.36 -14.51 -9.68
CA VAL A 283 0.58 -13.08 -9.61
C VAL A 283 1.55 -12.75 -8.48
N PRO A 284 2.74 -12.23 -8.81
CA PRO A 284 3.67 -11.78 -7.78
C PRO A 284 3.19 -10.39 -7.35
N ILE A 285 2.98 -10.19 -6.06
CA ILE A 285 2.34 -8.95 -5.60
C ILE A 285 3.03 -8.43 -4.33
N GLY A 286 3.53 -7.19 -4.43
CA GLY A 286 4.27 -6.59 -3.33
C GLY A 286 3.37 -5.78 -2.43
N MET A 287 3.90 -5.44 -1.27
CA MET A 287 3.14 -4.70 -0.27
C MET A 287 2.71 -3.34 -0.76
N GLY A 288 1.40 -3.12 -0.67
CA GLY A 288 0.80 -1.91 -1.22
C GLY A 288 0.21 -2.01 -2.61
N GLN A 289 0.65 -3.00 -3.38
CA GLN A 289 0.21 -3.20 -4.76
C GLN A 289 -1.15 -3.86 -4.79
N ARG A 290 -1.84 -3.64 -5.90
CA ARG A 290 -3.08 -4.34 -6.19
C ARG A 290 -2.96 -4.88 -7.60
N TYR A 291 -3.65 -5.97 -7.86
CA TYR A 291 -3.87 -6.43 -9.24
C TYR A 291 -5.28 -6.90 -9.30
N ASP A 292 -5.96 -6.50 -10.38
CA ASP A 292 -7.29 -7.02 -10.66
C ASP A 292 -7.16 -8.21 -11.60
N ILE A 293 -7.79 -9.32 -11.23
CA ILE A 293 -7.73 -10.53 -12.06
C ILE A 293 -9.11 -11.05 -12.39
N ILE A 294 -9.24 -11.63 -13.57
CA ILE A 294 -10.43 -12.37 -13.94
C ILE A 294 -10.08 -13.86 -14.00
N VAL A 295 -10.90 -14.66 -13.32
CA VAL A 295 -10.75 -16.11 -13.28
C VAL A 295 -12.03 -16.72 -13.85
N THR A 296 -11.88 -17.57 -14.86
CA THR A 296 -13.01 -18.30 -15.46
C THR A 296 -13.10 -19.67 -14.83
N ALA A 297 -14.32 -20.05 -14.46
CA ALA A 297 -14.60 -21.32 -13.81
C ALA A 297 -14.68 -22.42 -14.87
N ASN A 298 -13.53 -22.72 -15.47
CA ASN A 298 -13.52 -23.62 -16.62
C ASN A 298 -12.86 -24.97 -16.32
N GLN A 299 -12.69 -25.29 -15.04
CA GLN A 299 -12.14 -26.57 -14.65
C GLN A 299 -13.23 -27.55 -14.22
N ALA A 300 -12.85 -28.82 -14.11
CA ALA A 300 -13.79 -29.82 -13.60
C ALA A 300 -14.29 -29.39 -12.22
N PRO A 301 -15.61 -29.51 -11.97
CA PRO A 301 -16.11 -29.08 -10.66
C PRO A 301 -15.41 -29.83 -9.55
N ASP A 302 -14.73 -29.08 -8.69
CA ASP A 302 -13.90 -29.70 -7.66
C ASP A 302 -13.49 -28.61 -6.67
N ASN A 303 -12.76 -29.01 -5.65
CA ASN A 303 -12.16 -28.05 -4.73
C ASN A 303 -10.70 -27.85 -5.08
N TYR A 304 -10.30 -26.59 -5.18
CA TYR A 304 -8.96 -26.23 -5.63
C TYR A 304 -8.33 -25.32 -4.58
N TRP A 305 -7.06 -25.54 -4.28
CA TRP A 305 -6.35 -24.62 -3.39
C TRP A 305 -6.14 -23.25 -4.04
N ILE A 306 -6.40 -22.22 -3.24
CA ILE A 306 -6.03 -20.84 -3.54
C ILE A 306 -4.78 -20.62 -2.67
N ARG A 307 -3.69 -20.16 -3.28
CA ARG A 307 -2.42 -20.10 -2.56
C ARG A 307 -1.87 -18.68 -2.51
N ALA A 308 -1.39 -18.29 -1.32
CA ALA A 308 -0.65 -17.04 -1.19
C ALA A 308 0.68 -17.43 -0.58
N ILE A 309 1.72 -17.42 -1.40
CA ILE A 309 3.00 -18.00 -1.01
C ILE A 309 4.04 -16.91 -0.80
N PRO A 310 4.50 -16.74 0.45
CA PRO A 310 5.60 -15.82 0.73
C PRO A 310 6.85 -16.20 -0.07
N GLN A 311 7.47 -15.19 -0.66
CA GLN A 311 8.68 -15.39 -1.46
C GLN A 311 9.89 -15.31 -0.54
N SER A 312 10.69 -16.39 -0.50
CA SER A 312 11.60 -16.56 0.64
C SER A 312 12.81 -15.62 0.65
N PHE A 313 13.16 -15.04 -0.49
CA PHE A 313 14.29 -14.10 -0.53
C PHE A 313 14.08 -12.92 0.41
N CYS A 314 12.82 -12.46 0.52
CA CYS A 314 12.50 -11.25 1.26
C CYS A 314 11.35 -11.42 2.28
N SER A 315 10.95 -12.65 2.54
CA SER A 315 9.87 -12.94 3.51
C SER A 315 10.35 -14.08 4.39
N ASP A 316 10.09 -13.98 5.68
CA ASP A 316 10.43 -15.03 6.64
C ASP A 316 9.15 -15.51 7.31
N ASN A 317 8.59 -16.60 6.81
CA ASN A 317 7.33 -17.10 7.32
C ASN A 317 7.46 -18.56 7.74
N ALA A 318 6.97 -18.89 8.92
CA ALA A 318 7.01 -20.28 9.41
C ALA A 318 6.11 -21.19 8.58
N ASN A 319 5.06 -20.62 7.99
CA ASN A 319 4.02 -21.41 7.33
C ASN A 319 3.76 -21.03 5.88
N SER A 320 4.85 -20.84 5.14
CA SER A 320 4.76 -20.45 3.74
C SER A 320 3.88 -21.32 2.86
N ASP A 321 3.79 -22.61 3.18
CA ASP A 321 3.01 -23.52 2.38
C ASP A 321 1.61 -23.73 2.95
N ASN A 322 1.27 -23.00 3.99
CA ASN A 322 -0.07 -23.18 4.62
C ASN A 322 -0.80 -21.86 4.83
N ILE A 323 -0.69 -21.02 3.81
CA ILE A 323 -1.50 -19.80 3.73
C ILE A 323 -2.36 -20.02 2.49
N LYS A 324 -3.46 -20.74 2.70
CA LYS A 324 -4.25 -21.20 1.57
C LYS A 324 -5.72 -20.99 1.84
N GLY A 325 -6.48 -20.82 0.76
CA GLY A 325 -7.94 -20.86 0.84
C GLY A 325 -8.49 -21.94 -0.08
N VAL A 326 -9.81 -22.03 -0.14
CA VAL A 326 -10.45 -23.06 -0.94
C VAL A 326 -11.35 -22.44 -2.01
N LEU A 327 -11.11 -22.80 -3.27
CA LEU A 327 -12.05 -22.51 -4.33
C LEU A 327 -12.97 -23.71 -4.44
N HIS A 328 -14.24 -23.49 -4.14
CA HIS A 328 -15.25 -24.58 -4.08
C HIS A 328 -16.21 -24.39 -5.25
N TYR A 329 -16.13 -25.27 -6.24
CA TYR A 329 -17.15 -25.23 -7.33
C TYR A 329 -18.47 -25.78 -6.83
N GLU A 330 -19.58 -25.24 -7.34
CA GLU A 330 -20.87 -25.92 -7.14
C GLU A 330 -20.73 -27.19 -7.95
N GLY A 331 -20.89 -28.34 -7.28
CA GLY A 331 -20.56 -29.60 -7.90
C GLY A 331 -19.40 -30.30 -7.21
N ALA A 332 -18.65 -29.53 -6.40
CA ALA A 332 -17.53 -30.10 -5.64
C ALA A 332 -18.03 -30.74 -4.36
N ALA A 333 -17.22 -31.68 -3.83
CA ALA A 333 -17.54 -32.29 -2.56
C ALA A 333 -17.58 -31.25 -1.46
N ASP A 334 -18.57 -31.38 -0.58
CA ASP A 334 -18.69 -30.52 0.59
C ASP A 334 -17.81 -31.07 1.72
N ASN A 335 -17.48 -30.22 2.69
CA ASN A 335 -16.66 -30.63 3.85
C ASN A 335 -15.38 -31.40 3.49
N SER A 336 -14.71 -30.99 2.41
CA SER A 336 -13.63 -31.78 1.82
C SER A 336 -12.54 -30.86 1.26
N ASP A 337 -11.33 -30.98 1.80
CA ASP A 337 -10.28 -30.08 1.33
C ASP A 337 -9.80 -30.42 -0.09
N PRO A 338 -9.27 -29.42 -0.82
CA PRO A 338 -8.67 -29.74 -2.09
C PRO A 338 -7.49 -30.72 -1.97
N THR A 339 -7.27 -31.45 -3.06
CA THR A 339 -6.07 -32.28 -3.21
C THR A 339 -5.33 -31.86 -4.48
N SER A 340 -5.56 -30.62 -4.92
CA SER A 340 -4.97 -30.12 -6.17
C SER A 340 -3.48 -29.82 -6.02
N THR A 341 -2.78 -29.71 -7.16
CA THR A 341 -1.33 -29.49 -7.18
C THR A 341 -1.01 -28.05 -7.58
N LYS A 342 0.00 -27.45 -6.93
CA LYS A 342 0.44 -26.08 -7.26
C LYS A 342 0.96 -26.01 -8.70
N TRP A 343 0.72 -24.89 -9.37
CA TRP A 343 1.30 -24.63 -10.67
C TRP A 343 2.82 -24.68 -10.59
N ASP A 344 3.44 -25.31 -11.58
CA ASP A 344 4.90 -25.42 -11.59
C ASP A 344 5.48 -24.20 -12.31
N TYR A 345 5.48 -23.05 -11.63
CA TYR A 345 5.91 -21.80 -12.26
C TYR A 345 7.35 -21.45 -11.93
N GLY A 346 7.99 -22.30 -11.14
CA GLY A 346 9.36 -22.06 -10.74
C GLY A 346 9.41 -21.96 -9.25
N ASP A 347 10.45 -21.31 -8.74
CA ASP A 347 10.60 -21.29 -7.33
C ASP A 347 9.88 -20.09 -6.75
N ASP A 348 9.81 -20.12 -5.44
CA ASP A 348 9.17 -19.10 -4.67
C ASP A 348 10.22 -18.39 -3.86
N ILE A 349 11.34 -18.08 -4.50
CA ILE A 349 12.45 -17.42 -3.82
C ILE A 349 12.48 -15.92 -4.09
N GLN A 350 12.79 -15.52 -5.32
CA GLN A 350 12.99 -14.09 -5.58
C GLN A 350 11.69 -13.28 -5.40
N CYS A 351 11.89 -12.00 -5.13
CA CYS A 351 10.80 -11.04 -4.97
C CYS A 351 10.81 -10.10 -6.18
N LEU A 352 9.89 -10.35 -7.09
CA LEU A 352 9.86 -9.75 -8.41
C LEU A 352 8.50 -9.14 -8.70
N ASP A 353 8.47 -8.15 -9.59
CA ASP A 353 7.22 -7.63 -10.15
C ASP A 353 7.02 -8.31 -11.51
N PHE A 354 5.81 -8.22 -12.08
CA PHE A 354 5.66 -8.42 -13.52
C PHE A 354 6.67 -7.50 -14.23
N SER A 355 7.13 -7.90 -15.41
CA SER A 355 8.17 -7.10 -16.08
C SER A 355 7.58 -5.82 -16.69
N LEU A 356 8.47 -4.88 -17.04
CA LEU A 356 8.02 -3.64 -17.70
C LEU A 356 7.24 -3.86 -18.98
N ASP A 357 7.54 -4.94 -19.69
CA ASP A 357 6.86 -5.20 -20.96
C ASP A 357 5.56 -5.96 -20.76
N GLU A 358 5.39 -6.54 -19.58
CA GLU A 358 4.13 -7.23 -19.26
C GLU A 358 3.01 -6.26 -18.85
N LEU A 359 3.38 -5.10 -18.29
CA LEU A 359 2.40 -4.13 -17.78
C LEU A 359 2.30 -2.92 -18.69
N VAL A 360 1.27 -2.91 -19.52
CA VAL A 360 1.10 -1.90 -20.52
C VAL A 360 -0.22 -1.20 -20.27
N PRO A 361 -0.13 0.06 -19.76
CA PRO A 361 -1.37 0.78 -19.50
C PRO A 361 -2.27 0.89 -20.74
N TRP A 362 -3.58 0.68 -20.54
CA TRP A 362 -4.53 0.79 -21.65
C TRP A 362 -4.59 2.23 -22.13
N LEU A 363 -4.74 3.15 -21.18
CA LEU A 363 -4.56 4.56 -21.49
C LEU A 363 -3.07 4.82 -21.65
N ALA A 364 -2.65 4.99 -22.90
CA ALA A 364 -1.22 5.06 -23.22
C ALA A 364 -0.69 6.48 -23.03
N LEU A 365 0.34 6.63 -22.19
CA LEU A 365 0.91 7.94 -21.91
C LEU A 365 2.42 7.82 -21.83
N ASP A 366 3.13 8.75 -22.46
CA ASP A 366 4.58 8.72 -22.42
C ASP A 366 5.16 9.50 -21.24
N ALA A 367 6.30 9.04 -20.74
CA ALA A 367 7.05 9.76 -19.71
C ALA A 367 7.89 10.84 -20.40
N ASP A 368 7.43 12.08 -20.29
CA ASP A 368 8.01 13.22 -21.00
C ASP A 368 9.14 13.81 -20.16
N ILE A 369 10.26 13.10 -20.11
CA ILE A 369 11.27 13.41 -19.10
C ILE A 369 12.37 14.38 -19.54
N GLY A 370 12.24 14.86 -20.78
CA GLY A 370 13.09 15.97 -21.25
C GLY A 370 13.02 17.15 -20.30
N GLY A 371 14.17 17.59 -19.79
CA GLY A 371 14.21 18.70 -18.86
C GLY A 371 13.83 18.33 -17.44
N ALA A 372 13.72 17.02 -17.14
CA ALA A 372 13.35 16.58 -15.79
C ALA A 372 14.46 16.92 -14.79
N GLN A 373 14.07 17.12 -13.54
CA GLN A 373 15.01 17.16 -12.41
C GLN A 373 15.39 15.72 -12.09
N MET A 374 16.69 15.47 -11.92
CA MET A 374 17.20 14.14 -11.60
C MET A 374 17.60 14.04 -10.14
N ALA A 375 17.21 12.94 -9.50
CA ALA A 375 17.56 12.70 -8.10
C ALA A 375 17.87 11.22 -7.90
N GLU A 376 18.69 10.93 -6.89
CA GLU A 376 18.94 9.56 -6.47
C GLU A 376 18.81 9.45 -4.97
N SER A 377 18.07 8.43 -4.52
CA SER A 377 17.96 8.15 -3.11
C SER A 377 18.52 6.77 -2.84
N ASP A 378 19.63 6.71 -2.12
CA ASP A 378 20.21 5.43 -1.73
C ASP A 378 19.51 4.85 -0.53
N VAL A 379 19.49 3.52 -0.48
CA VAL A 379 18.83 2.81 0.59
C VAL A 379 19.86 2.00 1.37
N ASP A 380 19.96 2.26 2.67
CA ASP A 380 20.91 1.54 3.54
C ASP A 380 20.28 1.16 4.87
N PHE A 381 20.95 0.27 5.60
CA PHE A 381 20.45 -0.27 6.86
C PHE A 381 21.64 -0.16 7.78
N THR A 382 21.50 0.64 8.84
CA THR A 382 22.64 1.16 9.61
C THR A 382 22.37 1.14 11.11
N PRO A 383 23.37 0.73 11.91
CA PRO A 383 23.19 0.84 13.38
C PRO A 383 23.30 2.28 13.87
N PHE A 384 22.46 2.63 14.84
CA PHE A 384 22.52 3.95 15.45
C PHE A 384 22.48 3.82 16.96
N GLY A 385 23.32 4.61 17.64
CA GLY A 385 23.31 4.66 19.09
C GLY A 385 23.98 3.48 19.77
N ASP A 386 23.81 3.38 21.08
CA ASP A 386 24.58 2.45 21.91
C ASP A 386 24.02 1.03 22.02
N VAL A 387 22.76 0.84 21.62
CA VAL A 387 22.12 -0.46 21.77
C VAL A 387 22.73 -1.58 20.89
N PRO A 388 22.79 -1.42 19.56
CA PRO A 388 22.27 -0.28 18.81
C PRO A 388 20.89 -0.57 18.23
N LEU A 389 20.25 0.44 17.66
CA LEU A 389 19.04 0.20 16.86
C LEU A 389 19.45 0.21 15.40
N TYR A 390 18.94 -0.75 14.64
CA TYR A 390 19.22 -0.82 13.21
C TYR A 390 18.08 -0.16 12.44
N LEU A 391 18.39 0.96 11.80
CA LEU A 391 17.38 1.77 11.12
C LEU A 391 17.62 1.80 9.63
N TRP A 392 16.53 1.84 8.86
CA TRP A 392 16.62 2.01 7.41
C TRP A 392 16.72 3.51 7.08
N THR A 393 17.60 3.84 6.15
CA THR A 393 17.81 5.22 5.72
C THR A 393 17.53 5.28 4.24
N MET A 394 16.91 6.37 3.80
CA MET A 394 16.56 6.57 2.41
C MET A 394 17.05 7.95 1.98
N GLY A 395 17.93 8.00 0.99
CA GLY A 395 18.48 9.31 0.59
C GLY A 395 19.45 9.90 1.61
N GLY A 396 20.04 9.04 2.42
CA GLY A 396 21.10 9.40 3.37
C GLY A 396 20.69 9.56 4.81
N ASN A 397 19.39 9.53 5.09
CA ASN A 397 18.89 9.80 6.45
C ASN A 397 17.75 8.87 6.79
N ALA A 398 17.67 8.47 8.06
CA ALA A 398 16.43 7.91 8.59
C ALA A 398 15.51 9.09 8.86
N LEU A 399 14.33 9.08 8.24
CA LEU A 399 13.36 10.13 8.47
C LEU A 399 13.12 10.30 9.97
N ASN A 400 13.07 11.55 10.40
CA ASN A 400 12.86 11.87 11.80
C ASN A 400 12.08 13.15 11.93
N ILE A 401 10.77 13.02 11.83
CA ILE A 401 9.92 14.20 11.83
C ILE A 401 8.88 14.13 12.96
N SER A 402 7.95 15.08 12.99
CA SER A 402 7.17 15.34 14.20
C SER A 402 5.67 15.24 13.99
N TRP A 403 5.03 14.32 14.72
CA TRP A 403 3.58 14.23 14.75
C TRP A 403 2.94 15.57 15.08
N LYS A 404 3.51 16.29 16.05
CA LYS A 404 2.87 17.51 16.54
C LYS A 404 3.24 18.78 15.76
N ASP A 405 4.21 18.64 14.86
CA ASP A 405 4.62 19.75 14.00
C ASP A 405 4.66 19.25 12.55
N PRO A 406 3.47 18.98 11.97
CA PRO A 406 3.50 18.41 10.62
C PRO A 406 4.03 19.39 9.58
N THR A 407 4.56 18.87 8.48
CA THR A 407 5.12 19.73 7.44
C THR A 407 4.19 20.86 7.00
N LEU A 408 2.90 20.57 6.83
CA LEU A 408 1.94 21.62 6.43
C LEU A 408 1.81 22.76 7.48
N GLN A 409 2.01 22.44 8.75
CA GLN A 409 2.06 23.50 9.78
C GLN A 409 3.31 24.35 9.60
N GLN A 410 4.42 23.68 9.29
CA GLN A 410 5.70 24.40 9.12
C GLN A 410 5.65 25.38 7.96
N THR A 411 5.02 24.98 6.86
CA THR A 411 4.85 25.84 5.69
C THR A 411 3.73 26.88 5.87
N PHE A 412 2.74 26.59 6.70
CA PHE A 412 1.76 27.64 7.03
C PHE A 412 2.42 28.77 7.82
N GLU A 413 3.24 28.40 8.80
CA GLU A 413 3.96 29.36 9.65
C GLU A 413 5.01 30.17 8.87
N ASP A 414 5.59 29.52 7.85
CA ASP A 414 6.67 30.07 7.04
C ASP A 414 6.49 29.62 5.58
N PRO A 415 5.60 30.28 4.82
CA PRO A 415 5.25 29.88 3.44
C PRO A 415 6.44 29.70 2.49
N ASP A 416 7.50 30.48 2.69
CA ASP A 416 8.70 30.40 1.86
C ASP A 416 9.86 29.67 2.57
N LYS A 417 9.54 28.80 3.53
CA LYS A 417 10.53 28.06 4.28
C LYS A 417 11.51 27.36 3.32
N MET A 418 12.81 27.53 3.61
CA MET A 418 13.86 26.87 2.87
C MET A 418 14.78 26.04 3.77
N ASP A 419 14.67 26.22 5.09
CA ASP A 419 15.60 25.61 6.02
C ASP A 419 15.19 24.18 6.47
N TRP A 420 15.05 23.29 5.49
CA TRP A 420 14.71 21.89 5.78
C TRP A 420 15.86 21.20 6.48
N LYS A 421 15.54 20.40 7.48
CA LYS A 421 16.58 19.64 8.19
C LYS A 421 16.89 18.40 7.37
N ALA A 422 18.13 17.91 7.47
CA ALA A 422 18.53 16.66 6.84
C ALA A 422 17.52 15.54 7.17
N SER A 423 17.15 15.48 8.45
CA SER A 423 16.24 14.46 8.99
C SER A 423 14.78 14.56 8.46
N GLN A 424 14.47 15.65 7.76
CA GLN A 424 13.13 15.79 7.13
C GLN A 424 13.04 15.11 5.77
N GLY A 425 14.19 14.75 5.22
CA GLY A 425 14.23 13.98 3.99
C GLY A 425 13.50 14.61 2.81
N VAL A 426 13.71 15.91 2.61
CA VAL A 426 12.93 16.65 1.61
C VAL A 426 13.51 16.53 0.20
N ILE A 427 12.63 16.28 -0.76
CA ILE A 427 12.92 16.42 -2.17
C ILE A 427 11.97 17.49 -2.72
N GLU A 428 12.52 18.56 -3.28
CA GLU A 428 11.69 19.63 -3.76
C GLU A 428 11.30 19.43 -5.22
N ALA A 429 10.04 19.75 -5.54
CA ALA A 429 9.54 19.80 -6.90
C ALA A 429 8.72 21.10 -7.03
N ALA A 430 9.43 22.23 -7.18
CA ALA A 430 8.82 23.54 -7.03
C ALA A 430 8.10 24.06 -8.26
N ILE A 431 8.45 23.53 -9.43
CA ILE A 431 8.00 24.12 -10.70
C ILE A 431 6.81 23.35 -11.30
N PRO A 432 5.69 24.06 -11.58
CA PRO A 432 4.50 23.36 -12.07
C PRO A 432 4.77 22.53 -13.34
N ASN A 433 4.35 21.27 -13.30
CA ASN A 433 4.41 20.37 -14.46
C ASN A 433 5.80 19.88 -14.87
N LYS A 434 6.81 20.33 -14.13
CA LYS A 434 8.18 19.87 -14.38
C LYS A 434 8.31 18.43 -13.86
N TRP A 435 8.96 17.57 -14.64
CA TRP A 435 9.15 16.17 -14.22
C TRP A 435 10.29 16.02 -13.24
N THR A 436 10.17 14.99 -12.41
CA THR A 436 11.22 14.52 -11.58
C THR A 436 11.48 13.07 -12.01
N VAL A 437 12.76 12.75 -12.17
CA VAL A 437 13.18 11.37 -12.36
C VAL A 437 13.98 10.98 -11.13
N LEU A 438 13.48 9.96 -10.42
CA LEU A 438 14.11 9.55 -9.17
C LEU A 438 14.60 8.10 -9.27
N VAL A 439 15.89 7.92 -8.98
CA VAL A 439 16.50 6.59 -8.91
C VAL A 439 16.53 6.19 -7.44
N VAL A 440 15.91 5.06 -7.10
CA VAL A 440 15.99 4.53 -5.74
C VAL A 440 16.86 3.28 -5.84
N GLN A 441 17.96 3.28 -5.12
CA GLN A 441 19.01 2.26 -5.31
C GLN A 441 19.54 1.74 -4.00
N THR A 442 20.04 0.50 -4.02
CA THR A 442 20.65 -0.08 -2.85
C THR A 442 21.79 -1.01 -3.25
N ASP A 443 22.76 -1.18 -2.35
CA ASP A 443 23.79 -2.19 -2.51
C ASP A 443 23.44 -3.48 -1.81
N LEU A 444 22.42 -3.45 -0.96
CA LEU A 444 22.08 -4.60 -0.12
C LEU A 444 21.27 -5.63 -0.90
N PRO A 445 21.38 -6.91 -0.50
CA PRO A 445 20.56 -7.97 -1.07
C PRO A 445 19.16 -7.98 -0.43
N VAL A 446 18.49 -6.83 -0.50
CA VAL A 446 17.16 -6.65 0.14
C VAL A 446 16.31 -5.77 -0.76
N PRO A 447 15.17 -6.30 -1.26
CA PRO A 447 14.28 -5.52 -2.09
C PRO A 447 13.24 -4.81 -1.22
N HIS A 448 12.59 -3.78 -1.77
CA HIS A 448 11.60 -2.99 -1.00
C HIS A 448 10.52 -2.47 -1.95
N PRO A 449 9.25 -2.57 -1.53
CA PRO A 449 8.18 -1.98 -2.32
C PRO A 449 8.10 -0.47 -2.08
N ILE A 450 8.35 0.31 -3.13
CA ILE A 450 8.37 1.78 -3.01
C ILE A 450 7.03 2.38 -3.40
N HIS A 451 6.45 3.14 -2.51
CA HIS A 451 5.16 3.79 -2.73
C HIS A 451 5.27 5.32 -2.72
N LEU A 452 4.66 5.96 -3.71
CA LEU A 452 4.61 7.42 -3.76
C LEU A 452 3.18 7.89 -3.64
N HIS A 453 2.93 8.80 -2.69
CA HIS A 453 1.63 9.46 -2.53
C HIS A 453 1.37 10.53 -3.57
N GLY A 454 0.10 10.75 -3.89
CA GLY A 454 -0.32 11.95 -4.64
C GLY A 454 -0.13 11.83 -6.15
N HIS A 455 0.37 10.68 -6.60
CA HIS A 455 0.81 10.46 -7.98
C HIS A 455 0.74 9.00 -8.38
N ASP A 456 0.37 8.74 -9.64
CA ASP A 456 0.79 7.50 -10.28
C ASP A 456 2.11 7.85 -10.94
N PHE A 457 3.18 7.14 -10.61
CA PHE A 457 4.45 7.42 -11.25
C PHE A 457 4.60 6.56 -12.50
N TYR A 458 5.57 6.92 -13.34
CA TYR A 458 5.90 6.16 -14.54
C TYR A 458 7.14 5.34 -14.18
N LEU A 459 7.02 4.02 -14.31
CA LEU A 459 8.12 3.14 -13.90
C LEU A 459 9.06 2.95 -15.08
N LEU A 460 10.21 3.60 -15.01
CA LEU A 460 11.11 3.74 -16.16
C LEU A 460 12.13 2.60 -16.27
N ALA A 461 12.52 2.03 -15.13
CA ALA A 461 13.52 0.94 -15.04
C ALA A 461 13.38 0.26 -13.68
N GLN A 462 13.83 -1.00 -13.65
CA GLN A 462 13.79 -1.81 -12.48
C GLN A 462 14.83 -2.86 -12.79
N GLY A 463 15.76 -3.08 -11.87
CA GLY A 463 16.87 -4.01 -12.13
C GLY A 463 17.65 -4.47 -10.94
N PHE A 464 18.72 -5.20 -11.23
CA PHE A 464 19.53 -5.87 -10.24
C PHE A 464 20.96 -5.41 -10.38
N GLY A 465 21.69 -5.43 -9.28
CA GLY A 465 23.09 -4.96 -9.24
C GLY A 465 23.18 -3.46 -9.33
N GLN A 466 24.33 -2.98 -9.79
CA GLN A 466 24.61 -1.56 -9.79
C GLN A 466 23.82 -0.80 -10.84
N PHE A 467 23.39 0.40 -10.46
CA PHE A 467 22.76 1.30 -11.40
C PHE A 467 23.87 1.95 -12.25
N ASN A 468 23.74 1.78 -13.57
CA ASN A 468 24.72 2.29 -14.52
CA ASN A 468 24.72 2.32 -14.50
C ASN A 468 24.17 3.52 -15.27
N PRO A 469 24.54 4.75 -14.85
CA PRO A 469 24.01 5.97 -15.45
C PRO A 469 24.24 6.08 -16.96
N GLN A 470 25.26 5.40 -17.47
CA GLN A 470 25.55 5.38 -18.88
C GLN A 470 24.70 4.34 -19.63
N ASN A 471 24.60 3.15 -19.05
CA ASN A 471 24.07 1.98 -19.76
C ASN A 471 22.58 1.67 -19.58
N VAL A 472 21.98 2.22 -18.52
CA VAL A 472 20.57 1.94 -18.24
C VAL A 472 19.68 2.51 -19.34
N THR A 473 18.69 1.73 -19.74
CA THR A 473 17.72 2.22 -20.69
C THR A 473 16.46 2.57 -19.91
N LEU A 474 15.98 3.80 -20.10
CA LEU A 474 14.73 4.22 -19.45
C LEU A 474 13.59 4.02 -20.44
N LYS A 475 12.53 3.33 -20.00
CA LYS A 475 11.37 3.15 -20.86
C LYS A 475 10.46 4.36 -20.74
N THR A 476 10.39 5.14 -21.80
CA THR A 476 9.58 6.36 -21.81
C THR A 476 8.33 6.18 -22.65
N HIS A 477 8.28 5.11 -23.44
CA HIS A 477 7.14 4.88 -24.32
C HIS A 477 6.12 4.03 -23.57
N ASN A 478 5.02 4.65 -23.16
CA ASN A 478 3.98 4.02 -22.35
C ASN A 478 4.51 2.96 -21.37
N PRO A 479 5.39 3.38 -20.45
CA PRO A 479 5.87 2.45 -19.45
C PRO A 479 4.78 2.09 -18.43
N PRO A 480 5.05 1.11 -17.57
CA PRO A 480 4.08 0.82 -16.52
C PRO A 480 3.87 2.09 -15.69
N ARG A 481 2.64 2.25 -15.22
CA ARG A 481 2.25 3.43 -14.49
C ARG A 481 1.45 2.92 -13.30
N ARG A 482 1.84 3.33 -12.10
CA ARG A 482 1.19 2.80 -10.89
C ARG A 482 1.70 3.59 -9.66
N ASP A 483 1.32 3.19 -8.46
CA ASP A 483 1.71 3.95 -7.26
C ASP A 483 2.69 3.22 -6.34
N THR A 484 2.92 1.92 -6.60
CA THR A 484 3.79 1.11 -5.75
C THR A 484 4.56 0.15 -6.66
N ALA A 485 5.89 0.17 -6.58
CA ALA A 485 6.70 -0.79 -7.37
C ALA A 485 7.93 -1.21 -6.59
N LEU A 486 8.41 -2.42 -6.85
CA LEU A 486 9.60 -2.89 -6.18
C LEU A 486 10.88 -2.21 -6.62
N MET A 487 11.69 -1.85 -5.63
CA MET A 487 13.12 -1.75 -5.85
C MET A 487 13.63 -3.18 -5.68
N THR A 488 13.86 -3.85 -6.80
CA THR A 488 14.36 -5.22 -6.82
C THR A 488 15.81 -5.27 -6.35
N ALA A 489 16.24 -6.45 -5.91
CA ALA A 489 17.61 -6.63 -5.42
C ALA A 489 18.09 -8.02 -5.76
N ALA A 490 19.38 -8.12 -6.10
CA ALA A 490 20.00 -9.42 -6.35
C ALA A 490 20.26 -10.18 -5.05
N THR A 491 20.31 -11.51 -5.16
CA THR A 491 20.67 -12.35 -4.03
C THR A 491 22.17 -12.17 -3.69
N PRO A 492 22.57 -12.53 -2.46
CA PRO A 492 23.99 -12.42 -2.07
C PRO A 492 24.94 -13.17 -3.01
N GLU A 493 24.53 -14.33 -3.52
CA GLU A 493 25.36 -15.13 -4.43
C GLU A 493 25.58 -14.43 -5.77
N ASN A 494 24.65 -13.55 -6.13
CA ASN A 494 24.76 -12.78 -7.38
C ASN A 494 25.26 -11.34 -7.16
N GLY A 495 25.77 -11.06 -5.96
CA GLY A 495 26.37 -9.76 -5.67
C GLY A 495 25.51 -8.76 -4.94
N GLY A 496 24.22 -9.06 -4.77
CA GLY A 496 23.32 -8.13 -4.07
C GLY A 496 23.04 -6.85 -4.83
N GLY A 497 22.23 -5.99 -4.22
CA GLY A 497 21.90 -4.68 -4.81
C GLY A 497 20.88 -4.64 -5.94
N GLY A 498 20.32 -3.45 -6.17
CA GLY A 498 19.35 -3.28 -7.21
C GLY A 498 18.84 -1.86 -7.21
N TYR A 499 17.89 -1.60 -8.09
CA TYR A 499 17.38 -0.25 -8.26
C TYR A 499 16.03 -0.24 -8.93
N MET A 500 15.37 0.90 -8.80
CA MET A 500 14.21 1.22 -9.61
C MET A 500 14.29 2.73 -9.91
N VAL A 501 13.71 3.11 -11.05
CA VAL A 501 13.70 4.50 -11.51
C VAL A 501 12.27 4.86 -11.87
N ILE A 502 11.80 5.97 -11.29
CA ILE A 502 10.47 6.48 -11.56
C ILE A 502 10.49 7.88 -12.09
N GLY A 503 9.41 8.25 -12.78
CA GLY A 503 9.24 9.60 -13.28
C GLY A 503 7.86 10.09 -12.95
N PHE A 504 7.73 11.36 -12.58
CA PHE A 504 6.39 11.94 -12.44
C PHE A 504 6.43 13.44 -12.62
N PRO A 505 5.38 14.01 -13.22
CA PRO A 505 5.32 15.47 -13.36
C PRO A 505 4.81 16.13 -12.09
N ALA A 506 5.21 17.38 -11.85
CA ALA A 506 4.75 18.08 -10.67
C ALA A 506 3.36 18.67 -10.95
N ASP A 507 2.36 17.80 -10.88
CA ASP A 507 1.03 18.20 -11.30
C ASP A 507 0.06 18.34 -10.13
N ASN A 508 0.60 18.30 -8.90
CA ASN A 508 -0.23 18.18 -7.72
C ASN A 508 0.43 18.80 -6.49
N PRO A 509 0.14 20.09 -6.21
CA PRO A 509 0.78 20.73 -5.06
C PRO A 509 0.49 20.02 -3.73
N GLY A 510 1.50 19.91 -2.89
CA GLY A 510 1.34 19.24 -1.60
C GLY A 510 2.64 18.69 -1.08
N VAL A 511 2.54 18.10 0.11
CA VAL A 511 3.66 17.36 0.67
CA VAL A 511 3.65 17.37 0.72
C VAL A 511 3.28 15.88 0.58
N TRP A 512 4.07 15.17 -0.20
CA TRP A 512 3.77 13.78 -0.54
C TRP A 512 4.82 12.82 -0.05
N LEU A 513 4.38 11.87 0.76
CA LEU A 513 5.30 10.85 1.28
C LEU A 513 5.75 9.94 0.14
N ILE A 514 7.04 9.59 0.13
CA ILE A 514 7.54 8.51 -0.71
C ILE A 514 8.32 7.57 0.22
N HIS A 515 7.99 6.29 0.22
CA HIS A 515 8.52 5.42 1.28
C HIS A 515 8.44 3.96 0.94
N CYS A 516 9.19 3.16 1.70
CA CYS A 516 9.04 1.73 1.62
C CYS A 516 7.71 1.37 2.29
N HIS A 517 6.94 0.53 1.61
CA HIS A 517 5.64 0.08 2.16
C HIS A 517 5.73 -1.12 3.11
N ILE A 518 6.92 -1.38 3.63
CA ILE A 518 7.04 -2.31 4.75
C ILE A 518 6.94 -1.46 6.01
N GLY A 519 5.91 -1.73 6.81
CA GLY A 519 5.57 -0.82 7.94
C GLY A 519 6.73 -0.59 8.89
N PHE A 520 7.42 -1.67 9.24
CA PHE A 520 8.55 -1.54 10.16
C PHE A 520 9.61 -0.63 9.56
N HIS A 521 9.85 -0.76 8.25
CA HIS A 521 10.92 0.00 7.57
C HIS A 521 10.60 1.49 7.54
N ALA A 522 9.35 1.83 7.21
CA ALA A 522 8.94 3.22 7.15
C ALA A 522 9.01 3.87 8.55
N THR A 523 8.60 3.14 9.58
CA THR A 523 8.59 3.67 10.94
CA THR A 523 8.61 3.72 10.93
C THR A 523 10.03 3.82 11.46
N GLU A 524 10.93 2.99 10.93
CA GLU A 524 12.35 3.08 11.27
C GLU A 524 13.05 4.20 10.53
N GLY A 525 12.40 4.83 9.56
CA GLY A 525 13.06 5.90 8.81
C GLY A 525 13.15 5.83 7.29
N PHE A 526 12.63 4.76 6.68
CA PHE A 526 12.74 4.54 5.22
C PHE A 526 11.64 5.36 4.53
N ALA A 527 11.88 6.65 4.39
CA ALA A 527 10.85 7.55 3.85
C ALA A 527 11.48 8.89 3.55
N GLN A 528 10.96 9.55 2.51
CA GLN A 528 11.28 10.94 2.20
C GLN A 528 9.97 11.70 1.95
N GLN A 529 10.05 13.03 1.87
CA GLN A 529 8.87 13.79 1.53
C GLN A 529 9.10 14.69 0.33
N ILE A 530 8.22 14.57 -0.65
CA ILE A 530 8.25 15.42 -1.84
C ILE A 530 7.48 16.69 -1.49
N VAL A 531 8.18 17.84 -1.53
CA VAL A 531 7.54 19.11 -1.30
C VAL A 531 7.30 19.67 -2.69
N GLU A 532 6.05 19.56 -3.12
CA GLU A 532 5.65 19.83 -4.49
C GLU A 532 4.90 21.14 -4.62
N ARG A 533 5.47 22.08 -5.38
CA ARG A 533 4.82 23.36 -5.64
C ARG A 533 4.41 24.07 -4.34
N GLN A 534 5.38 24.17 -3.45
CA GLN A 534 5.24 24.86 -2.17
C GLN A 534 4.53 26.22 -2.27
N SER A 535 4.79 26.99 -3.33
CA SER A 535 4.17 28.33 -3.48
C SER A 535 2.66 28.30 -3.73
N GLU A 536 2.12 27.11 -3.99
CA GLU A 536 0.70 26.94 -4.27
C GLU A 536 -0.06 26.14 -3.21
N PHE A 537 0.50 26.02 -2.00
CA PHE A 537 -0.18 25.31 -0.91
C PHE A 537 -1.51 25.99 -0.56
N ASN A 538 -1.61 27.28 -0.89
CA ASN A 538 -2.89 28.02 -0.78
C ASN A 538 -4.05 27.41 -1.57
N THR A 539 -3.75 26.61 -2.59
CA THR A 539 -4.79 25.95 -3.40
C THR A 539 -5.64 24.96 -2.61
N PHE A 540 -5.11 24.50 -1.48
CA PHE A 540 -5.81 23.48 -0.70
C PHE A 540 -5.83 23.76 0.80
N PHE A 541 -4.87 24.51 1.33
CA PHE A 541 -4.64 24.52 2.78
C PHE A 541 -5.76 25.18 3.60
N SER A 542 -6.19 24.48 4.66
CA SER A 542 -7.12 25.06 5.64
C SER A 542 -6.49 25.07 7.01
N GLU A 543 -6.29 26.25 7.57
CA GLU A 543 -5.71 26.37 8.91
C GLU A 543 -6.57 25.69 9.98
N ASP A 544 -7.88 25.88 9.90
CA ASP A 544 -8.80 25.26 10.87
C ASP A 544 -8.74 23.73 10.82
N LEU A 545 -8.70 23.16 9.62
CA LEU A 545 -8.59 21.71 9.48
C LEU A 545 -7.30 21.18 10.10
N LEU A 546 -6.22 21.95 10.01
CA LEU A 546 -4.96 21.53 10.62
C LEU A 546 -4.99 21.72 12.14
N GLU A 547 -5.35 22.92 12.60
CA GLU A 547 -5.12 23.30 14.01
C GLU A 547 -6.14 22.70 14.98
N ASN A 548 -7.35 22.46 14.52
CA ASN A 548 -8.35 21.80 15.35
C ASN A 548 -7.84 20.44 15.84
N THR A 549 -7.33 19.63 14.91
CA THR A 549 -6.78 18.33 15.28
C THR A 549 -5.44 18.44 16.05
N CYS A 550 -4.57 19.35 15.62
CA CYS A 550 -3.32 19.54 16.35
C CYS A 550 -3.55 19.99 17.80
N ASP A 551 -4.50 20.88 18.03
CA ASP A 551 -4.85 21.30 19.39
C ASP A 551 -5.38 20.13 20.24
N ALA A 552 -6.24 19.31 19.65
CA ALA A 552 -6.78 18.14 20.33
C ALA A 552 -5.65 17.16 20.65
N TRP A 553 -4.75 16.98 19.68
CA TRP A 553 -3.62 16.08 19.87
C TRP A 553 -2.72 16.54 21.03
N ASP A 554 -2.45 17.84 21.10
CA ASP A 554 -1.65 18.39 22.21
C ASP A 554 -2.29 18.14 23.57
N GLU A 555 -3.60 18.31 23.66
CA GLU A 555 -4.34 18.04 24.91
C GLU A 555 -4.21 16.57 25.31
N TYR A 556 -4.24 15.68 24.33
CA TYR A 556 -4.03 14.24 24.58
C TYR A 556 -2.62 13.96 25.09
N ALA A 557 -1.62 14.55 24.45
CA ALA A 557 -0.23 14.36 24.82
C ALA A 557 0.07 14.82 26.26
N LYS A 558 -0.66 15.81 26.74
CA LYS A 558 -0.48 16.28 28.12
C LYS A 558 -0.80 15.20 29.14
N VAL A 559 -1.86 14.42 28.87
CA VAL A 559 -2.41 13.46 29.84
C VAL A 559 -2.10 11.97 29.58
N ASN A 560 -1.58 11.66 28.40
CA ASN A 560 -1.30 10.26 28.03
C ASN A 560 0.07 10.12 27.39
N PRO A 561 0.95 9.25 27.96
CA PRO A 561 2.32 9.13 27.46
C PRO A 561 2.41 8.61 26.02
N TYR A 562 1.36 7.96 25.54
CA TYR A 562 1.34 7.50 24.13
C TYR A 562 1.18 8.67 23.18
N GLY A 563 0.79 9.83 23.70
CA GLY A 563 0.71 11.06 22.90
C GLY A 563 2.08 11.65 22.60
N HIS A 564 3.10 11.18 23.31
CA HIS A 564 4.47 11.65 23.08
C HIS A 564 5.19 10.70 22.12
N GLN A 565 5.83 11.29 21.11
CA GLN A 565 6.52 10.51 20.09
C GLN A 565 7.89 10.12 20.63
N TYR A 566 8.16 8.82 20.64
CA TYR A 566 9.48 8.35 20.99
C TYR A 566 10.42 8.53 19.79
N ARG A 567 11.42 9.41 19.96
CA ARG A 567 12.33 9.75 18.86
C ARG A 567 13.80 9.49 19.18
N ALA A 568 14.05 8.77 20.27
CA ALA A 568 15.43 8.48 20.69
C ALA A 568 15.86 7.07 20.29
N LEU A 569 16.96 6.58 20.87
CA LEU A 569 17.58 5.36 20.37
C LEU A 569 17.67 4.22 21.39
N ALA A 570 16.80 4.25 22.38
CA ALA A 570 16.77 3.20 23.41
C ALA A 570 15.32 2.82 23.71
N GLY A 571 14.56 2.65 22.64
CA GLY A 571 13.12 2.40 22.76
C GLY A 571 12.53 2.31 21.36
N PRO A 572 11.20 2.37 21.27
CA PRO A 572 10.54 2.11 20.00
C PRO A 572 10.53 3.34 19.10
N TYR A 573 11.66 3.59 18.44
CA TYR A 573 11.84 4.77 17.59
C TYR A 573 10.70 4.92 16.60
N GLU A 574 10.20 6.15 16.48
CA GLU A 574 9.13 6.47 15.55
CA GLU A 574 9.12 6.48 15.54
C GLU A 574 9.56 7.60 14.61
N SER A 575 9.65 7.28 13.31
CA SER A 575 10.07 8.25 12.30
C SER A 575 9.10 9.41 12.18
N GLY A 576 7.85 9.17 12.57
CA GLY A 576 6.79 10.17 12.48
C GLY A 576 5.63 9.80 11.55
N ILE A 577 5.85 8.88 10.62
CA ILE A 577 4.78 8.59 9.65
C ILE A 577 3.99 7.31 9.97
#